data_3WHX
#
_entry.id   3WHX
#
_cell.length_a   70.460
_cell.length_b   82.030
_cell.length_c   82.310
_cell.angle_alpha   90.00
_cell.angle_beta   90.00
_cell.angle_gamma   90.00
#
_symmetry.space_group_name_H-M   'P 21 21 21'
#
loop_
_entity.id
_entity.type
_entity.pdbx_description
1 polymer 'mAb Fab H fragment'
2 polymer 'mAb Fab L fragment'
3 non-polymer '7-[(1R,3R)-3-hydroxy-2-[(1E,3S)-3-hydroxyoct-1-en-1-yl]-5-oxocyclopentyl]heptanoic acid'
4 water water
#
loop_
_entity_poly.entity_id
_entity_poly.type
_entity_poly.pdbx_seq_one_letter_code
_entity_poly.pdbx_strand_id
1 'polypeptide(L)'
;KVQLQQSGAELVKPGASVKLSCKASGYTFTEYFIHWVKQRSGQGLEWIGWFYPGSGSLNYNGKFKDKATFTADKSSSTVY
LELSRLTSEDSAVYFCASHAYDKEPYWGQGTLVTVSAAKTTPPSVYPLAPGSAAQTNSMVTLGCLVKGYFPEPVTVTWNS
GSLSSGVHTFPAVLQSDLYTLSSSVTVPSSTWPSETVTCNVAHPASSTKVDKKIVPRD
;
A
2 'polypeptide(L)'
;DVLMTQTPLSLPVSLGDQASISCRSSQSIVHSNGNTYLEWYLQKPGQSPKLLIYKVSNRFSGVPDRFSGSGSGTDFTLKI
NRVEAEDLGIYYCLQGSHVPLTFGAGTTLELKRADAAPTVSIFPPSSEQLTSGGASVVCFLNNFYPKDINVKWKIDGSER
QNGVLNSWTDQDSKDSTYSMSSTLTLTKDEYERHNSYTCEATHKTSTSPIVKSFNRN
;
B
#
loop_
_chem_comp.id
_chem_comp.type
_chem_comp.name
_chem_comp.formula
XPG non-polymer '7-[(1R,3R)-3-hydroxy-2-[(1E,3S)-3-hydroxyoct-1-en-1-yl]-5-oxocyclopentyl]heptanoic acid' 'C20 H34 O5'
#
# COMPACT_ATOMS: atom_id res chain seq x y z
N LYS A 1 -28.93 -3.19 -11.11
CA LYS A 1 -27.90 -3.26 -10.08
C LYS A 1 -27.18 -1.92 -9.98
N VAL A 2 -27.02 -1.40 -8.77
CA VAL A 2 -26.29 -0.15 -8.58
C VAL A 2 -24.82 -0.32 -8.96
N GLN A 3 -24.33 0.53 -9.87
CA GLN A 3 -22.94 0.46 -10.28
C GLN A 3 -22.33 1.86 -10.40
N LEU A 4 -21.08 1.98 -9.99
CA LEU A 4 -20.33 3.22 -10.12
C LEU A 4 -19.07 2.97 -10.91
N GLN A 5 -18.91 3.67 -12.02
CA GLN A 5 -17.73 3.47 -12.85
C GLN A 5 -16.82 4.70 -12.75
N GLN A 6 -15.65 4.50 -12.16
CA GLN A 6 -14.71 5.60 -12.00
C GLN A 6 -13.73 5.69 -13.15
N SER A 7 -13.23 6.90 -13.41
CA SER A 7 -12.32 7.15 -14.51
C SER A 7 -10.96 6.49 -14.28
N GLY A 8 -10.15 6.41 -15.34
CA GLY A 8 -8.89 5.71 -15.28
C GLY A 8 -7.81 6.43 -14.51
N ALA A 9 -6.71 5.72 -14.23
CA ALA A 9 -5.59 6.29 -13.49
C ALA A 9 -5.09 7.57 -14.13
N GLU A 10 -4.66 8.52 -13.30
CA GLU A 10 -4.20 9.81 -13.76
C GLU A 10 -2.74 10.04 -13.40
N LEU A 11 -1.97 10.55 -14.36
CA LEU A 11 -0.63 11.02 -14.08
C LEU A 11 -0.70 12.53 -14.17
N VAL A 12 -0.44 13.20 -13.04
CA VAL A 12 -0.66 14.64 -12.97
C VAL A 12 0.64 15.38 -12.70
N LYS A 13 0.89 16.43 -13.48
CA LYS A 13 2.06 17.27 -13.25
C LYS A 13 1.91 18.01 -11.92
N PRO A 14 3.03 18.19 -11.20
CA PRO A 14 2.95 18.91 -9.93
C PRO A 14 2.40 20.32 -10.16
N GLY A 15 1.56 20.79 -9.25
CA GLY A 15 0.98 22.11 -9.38
C GLY A 15 -0.27 22.18 -10.23
N ALA A 16 -0.46 21.20 -11.11
CA ALA A 16 -1.62 21.19 -11.99
C ALA A 16 -2.86 20.71 -11.24
N SER A 17 -4.00 20.74 -11.93
CA SER A 17 -5.23 20.22 -11.35
C SER A 17 -5.68 18.99 -12.13
N VAL A 18 -6.62 18.23 -11.57
CA VAL A 18 -7.14 17.07 -12.27
C VAL A 18 -8.60 16.89 -11.89
N LYS A 19 -9.41 16.38 -12.81
CA LYS A 19 -10.82 16.20 -12.54
C LYS A 19 -11.18 14.72 -12.71
N LEU A 20 -11.57 14.07 -11.61
CA LEU A 20 -11.89 12.66 -11.66
C LEU A 20 -13.40 12.53 -11.86
N SER A 21 -13.84 11.45 -12.50
CA SER A 21 -15.28 11.25 -12.67
C SER A 21 -15.79 9.94 -12.10
N CYS A 22 -17.10 9.93 -11.85
N CYS A 22 -17.07 9.95 -11.72
CA CYS A 22 -17.79 8.80 -11.24
CA CYS A 22 -17.75 8.73 -11.32
C CYS A 22 -19.15 8.70 -11.93
C CYS A 22 -19.09 8.73 -12.01
N LYS A 23 -19.31 7.73 -12.84
CA LYS A 23 -20.55 7.61 -13.60
C LYS A 23 -21.45 6.54 -13.01
N ALA A 24 -22.68 6.93 -12.67
CA ALA A 24 -23.57 6.06 -11.94
C ALA A 24 -24.63 5.43 -12.84
N SER A 25 -25.04 4.22 -12.48
CA SER A 25 -26.13 3.54 -13.18
C SER A 25 -26.88 2.62 -12.22
N GLY A 26 -28.09 2.25 -12.59
CA GLY A 26 -28.87 1.29 -11.82
C GLY A 26 -29.76 1.90 -10.76
N TYR A 27 -29.85 3.23 -10.75
CA TYR A 27 -30.74 3.95 -9.83
C TYR A 27 -31.04 5.34 -10.36
N THR A 28 -32.00 6.02 -9.74
CA THR A 28 -32.35 7.38 -10.12
C THR A 28 -31.27 8.34 -9.66
N PHE A 29 -30.46 8.81 -10.61
CA PHE A 29 -29.24 9.55 -10.33
C PHE A 29 -29.41 10.71 -9.34
N THR A 30 -30.49 11.46 -9.50
CA THR A 30 -30.70 12.66 -8.68
C THR A 30 -31.15 12.37 -7.25
N GLU A 31 -31.32 11.10 -6.89
CA GLU A 31 -31.85 10.77 -5.58
C GLU A 31 -30.86 10.11 -4.62
N TYR A 32 -29.61 9.94 -5.06
CA TYR A 32 -28.58 9.38 -4.18
C TYR A 32 -27.49 10.41 -3.87
N PHE A 33 -26.94 10.30 -2.67
CA PHE A 33 -25.74 11.04 -2.29
C PHE A 33 -24.51 10.41 -2.90
N ILE A 34 -23.53 11.24 -3.21
CA ILE A 34 -22.22 10.78 -3.63
C ILE A 34 -21.19 11.28 -2.61
N HIS A 35 -20.35 10.37 -2.12
CA HIS A 35 -19.26 10.76 -1.23
C HIS A 35 -17.93 10.47 -1.91
N TRP A 36 -16.90 11.22 -1.55
CA TRP A 36 -15.55 10.90 -2.03
C TRP A 36 -14.63 10.60 -0.85
N VAL A 37 -13.77 9.60 -1.04
CA VAL A 37 -12.88 9.11 0.00
C VAL A 37 -11.45 9.00 -0.54
N LYS A 38 -10.48 9.44 0.26
CA LYS A 38 -9.07 9.41 -0.15
C LYS A 38 -8.32 8.34 0.61
N GLN A 39 -7.41 7.64 -0.07
CA GLN A 39 -6.53 6.70 0.60
C GLN A 39 -5.11 6.79 0.05
N ARG A 40 -4.19 7.28 0.87
CA ARG A 40 -2.79 7.31 0.46
C ARG A 40 -2.17 5.92 0.61
N SER A 41 -1.12 5.65 -0.16
CA SER A 41 -0.51 4.32 -0.16
C SER A 41 -0.16 3.82 1.24
N GLY A 42 -0.72 2.66 1.60
CA GLY A 42 -0.43 2.05 2.88
C GLY A 42 -1.03 2.75 4.08
N GLN A 43 -1.91 3.71 3.83
CA GLN A 43 -2.56 4.44 4.93
C GLN A 43 -4.06 4.15 4.96
N GLY A 44 -4.76 4.84 5.88
CA GLY A 44 -6.18 4.58 6.06
C GLY A 44 -7.07 5.38 5.14
N LEU A 45 -8.37 5.33 5.42
CA LEU A 45 -9.36 6.03 4.62
C LEU A 45 -9.69 7.40 5.22
N GLU A 46 -9.88 8.38 4.36
N GLU A 46 -9.82 8.40 4.35
CA GLU A 46 -10.19 9.74 4.81
CA GLU A 46 -10.17 9.75 4.76
C GLU A 46 -11.33 10.33 3.98
C GLU A 46 -11.41 10.18 3.98
N TRP A 47 -12.36 10.81 4.67
CA TRP A 47 -13.57 11.31 4.01
C TRP A 47 -13.37 12.74 3.51
N ILE A 48 -13.66 12.95 2.23
CA ILE A 48 -13.47 14.26 1.60
C ILE A 48 -14.72 15.13 1.71
N GLY A 49 -15.88 14.54 1.43
CA GLY A 49 -17.11 15.30 1.48
C GLY A 49 -18.30 14.56 0.88
N TRP A 50 -19.48 15.14 0.97
CA TRP A 50 -20.66 14.59 0.30
C TRP A 50 -21.27 15.58 -0.68
N PHE A 51 -21.98 15.06 -1.68
CA PHE A 51 -22.56 15.87 -2.73
C PHE A 51 -23.89 15.22 -3.12
N TYR A 52 -24.94 16.02 -3.24
CA TYR A 52 -26.24 15.50 -3.66
C TYR A 52 -26.58 16.14 -5.00
N PRO A 53 -26.28 15.46 -6.10
CA PRO A 53 -26.46 16.06 -7.43
C PRO A 53 -27.90 16.49 -7.71
N GLY A 54 -28.87 15.90 -7.01
CA GLY A 54 -30.26 16.25 -7.21
C GLY A 54 -30.65 17.63 -6.72
N SER A 55 -29.78 18.27 -5.93
CA SER A 55 -30.03 19.63 -5.45
C SER A 55 -28.80 20.51 -5.56
N GLY A 56 -27.64 19.89 -5.73
CA GLY A 56 -26.38 20.62 -5.75
C GLY A 56 -25.84 20.89 -4.36
N SER A 57 -26.53 20.37 -3.35
CA SER A 57 -26.09 20.52 -1.96
C SER A 57 -24.79 19.75 -1.76
N LEU A 58 -23.93 20.26 -0.89
CA LEU A 58 -22.67 19.60 -0.61
C LEU A 58 -22.11 19.99 0.74
N ASN A 59 -21.10 19.24 1.16
CA ASN A 59 -20.37 19.54 2.38
C ASN A 59 -18.96 19.00 2.22
N TYR A 60 -17.98 19.81 2.57
CA TYR A 60 -16.59 19.36 2.53
C TYR A 60 -16.04 19.19 3.94
N ASN A 61 -15.24 18.14 4.11
CA ASN A 61 -14.33 18.05 5.23
C ASN A 61 -13.45 19.29 5.18
N GLY A 62 -13.36 20.01 6.29
CA GLY A 62 -12.55 21.22 6.35
C GLY A 62 -11.12 21.01 5.89
N LYS A 63 -10.62 19.79 6.07
CA LYS A 63 -9.26 19.45 5.65
C LYS A 63 -9.06 19.53 4.14
N PHE A 64 -10.16 19.54 3.40
CA PHE A 64 -10.12 19.50 1.93
C PHE A 64 -10.76 20.71 1.27
N LYS A 65 -11.18 21.67 2.08
CA LYS A 65 -11.98 22.79 1.60
C LYS A 65 -11.27 23.59 0.50
N ASP A 66 -9.95 23.65 0.56
CA ASP A 66 -9.22 24.42 -0.44
C ASP A 66 -8.63 23.53 -1.53
N LYS A 67 -9.04 22.28 -1.55
CA LYS A 67 -8.39 21.30 -2.41
C LYS A 67 -9.38 20.60 -3.33
N ALA A 68 -10.58 20.36 -2.82
CA ALA A 68 -11.58 19.58 -3.53
C ALA A 68 -12.78 20.42 -3.96
N THR A 69 -13.27 20.13 -5.16
CA THR A 69 -14.49 20.75 -5.67
C THR A 69 -15.39 19.68 -6.31
N PHE A 70 -16.64 19.60 -5.84
CA PHE A 70 -17.61 18.65 -6.39
C PHE A 70 -18.50 19.33 -7.42
N THR A 71 -18.71 18.67 -8.56
CA THR A 71 -19.69 19.12 -9.55
C THR A 71 -20.39 17.91 -10.16
N ALA A 72 -21.43 18.16 -10.95
CA ALA A 72 -22.14 17.06 -11.62
C ALA A 72 -22.57 17.42 -13.02
N ASP A 73 -22.77 16.37 -13.82
CA ASP A 73 -23.44 16.50 -15.10
C ASP A 73 -24.64 15.55 -15.04
N LYS A 74 -25.80 16.10 -14.69
CA LYS A 74 -27.01 15.30 -14.56
C LYS A 74 -27.33 14.56 -15.84
N SER A 75 -27.02 15.18 -16.98
CA SER A 75 -27.39 14.63 -18.27
C SER A 75 -26.61 13.36 -18.62
N SER A 76 -25.57 13.05 -17.84
CA SER A 76 -24.80 11.85 -18.08
C SER A 76 -24.62 11.01 -16.82
N SER A 77 -25.39 11.35 -15.78
CA SER A 77 -25.34 10.67 -14.49
C SER A 77 -23.92 10.58 -13.96
N THR A 78 -23.17 11.67 -14.10
CA THR A 78 -21.77 11.70 -13.72
C THR A 78 -21.49 12.78 -12.69
N VAL A 79 -20.74 12.43 -11.65
CA VAL A 79 -20.26 13.42 -10.70
C VAL A 79 -18.75 13.54 -10.83
N TYR A 80 -18.22 14.72 -10.50
CA TYR A 80 -16.80 14.97 -10.64
C TYR A 80 -16.17 15.45 -9.34
N LEU A 81 -14.93 15.04 -9.12
CA LEU A 81 -14.11 15.58 -8.06
C LEU A 81 -12.92 16.27 -8.70
N GLU A 82 -12.85 17.59 -8.58
CA GLU A 82 -11.68 18.30 -9.07
C GLU A 82 -10.72 18.56 -7.92
N LEU A 83 -9.46 18.17 -8.11
CA LEU A 83 -8.43 18.43 -7.12
C LEU A 83 -7.49 19.52 -7.66
N SER A 84 -7.27 20.56 -6.86
CA SER A 84 -6.50 21.71 -7.32
C SER A 84 -5.06 21.72 -6.83
N ARG A 85 -4.16 22.21 -7.68
CA ARG A 85 -2.76 22.46 -7.33
C ARG A 85 -2.12 21.27 -6.60
N LEU A 86 -1.95 20.18 -7.31
CA LEU A 86 -1.56 18.92 -6.69
C LEU A 86 -0.14 18.93 -6.12
N THR A 87 0.00 18.26 -4.97
CA THR A 87 1.29 18.06 -4.34
C THR A 87 1.46 16.56 -4.15
N SER A 88 2.60 16.15 -3.61
N SER A 88 2.61 16.14 -3.62
CA SER A 88 2.86 14.73 -3.35
CA SER A 88 2.82 14.71 -3.39
C SER A 88 1.83 14.15 -2.39
C SER A 88 1.81 14.14 -2.40
N GLU A 89 1.32 14.98 -1.50
CA GLU A 89 0.31 14.56 -0.52
C GLU A 89 -1.01 14.20 -1.19
N ASP A 90 -1.21 14.66 -2.42
CA ASP A 90 -2.46 14.38 -3.14
C ASP A 90 -2.39 13.08 -3.94
N SER A 91 -1.19 12.51 -4.07
CA SER A 91 -1.04 11.19 -4.67
C SER A 91 -1.72 10.16 -3.79
N ALA A 92 -2.73 9.49 -4.35
CA ALA A 92 -3.56 8.57 -3.59
C ALA A 92 -4.58 7.91 -4.51
N VAL A 93 -5.33 6.97 -3.96
CA VAL A 93 -6.48 6.43 -4.64
C VAL A 93 -7.71 7.18 -4.14
N TYR A 94 -8.58 7.59 -5.06
CA TYR A 94 -9.81 8.28 -4.67
C TYR A 94 -11.02 7.42 -5.01
N PHE A 95 -11.85 7.16 -4.00
CA PHE A 95 -13.05 6.35 -4.19
C PHE A 95 -14.29 7.20 -4.18
N CYS A 96 -15.26 6.79 -4.99
N CYS A 96 -15.26 6.85 -5.02
CA CYS A 96 -16.59 7.36 -5.02
CA CYS A 96 -16.58 7.45 -4.89
C CYS A 96 -17.55 6.36 -4.35
C CYS A 96 -17.55 6.40 -4.36
N ALA A 97 -18.54 6.86 -3.61
CA ALA A 97 -19.52 5.97 -3.01
C ALA A 97 -20.89 6.62 -3.10
N SER A 98 -21.91 5.82 -3.34
CA SER A 98 -23.25 6.34 -3.57
C SER A 98 -24.27 5.63 -2.68
N HIS A 99 -25.24 6.38 -2.18
CA HIS A 99 -26.30 5.78 -1.37
C HIS A 99 -27.55 6.63 -1.35
N ALA A 100 -28.70 5.97 -1.21
CA ALA A 100 -29.94 6.67 -0.92
C ALA A 100 -29.95 7.01 0.56
N TYR A 101 -30.68 8.05 0.93
CA TYR A 101 -30.82 8.43 2.33
C TYR A 101 -31.22 7.24 3.19
N ASP A 102 -30.46 6.98 4.26
CA ASP A 102 -30.75 5.89 5.21
C ASP A 102 -30.57 4.48 4.61
N LYS A 103 -29.87 4.39 3.48
CA LYS A 103 -29.63 3.09 2.84
C LYS A 103 -28.14 2.79 2.69
N GLU A 104 -27.83 1.53 2.42
CA GLU A 104 -26.44 1.07 2.32
C GLU A 104 -25.71 1.69 1.13
N PRO A 105 -24.42 2.03 1.32
CA PRO A 105 -23.63 2.64 0.24
C PRO A 105 -23.00 1.63 -0.70
N TYR A 106 -22.81 2.07 -1.95
CA TYR A 106 -22.15 1.28 -2.97
C TYR A 106 -20.88 2.02 -3.38
N TRP A 107 -19.76 1.31 -3.43
CA TRP A 107 -18.47 1.94 -3.67
C TRP A 107 -17.94 1.67 -5.08
N GLY A 108 -17.32 2.67 -5.67
CA GLY A 108 -16.60 2.50 -6.91
C GLY A 108 -15.29 1.78 -6.67
N GLN A 109 -14.55 1.50 -7.74
CA GLN A 109 -13.33 0.70 -7.60
C GLN A 109 -12.10 1.56 -7.36
N GLY A 110 -12.27 2.88 -7.42
CA GLY A 110 -11.19 3.80 -7.13
C GLY A 110 -10.44 4.28 -8.36
N THR A 111 -9.90 5.49 -8.27
CA THR A 111 -9.05 6.04 -9.30
C THR A 111 -7.72 6.44 -8.69
N LEU A 112 -6.63 5.93 -9.27
CA LEU A 112 -5.29 6.25 -8.79
C LEU A 112 -4.85 7.60 -9.36
N VAL A 113 -4.32 8.45 -8.48
CA VAL A 113 -3.74 9.72 -8.91
C VAL A 113 -2.28 9.75 -8.49
N THR A 114 -1.39 9.91 -9.46
CA THR A 114 0.04 9.97 -9.20
C THR A 114 0.61 11.31 -9.66
N VAL A 115 1.24 12.03 -8.74
CA VAL A 115 1.82 13.33 -9.06
C VAL A 115 3.32 13.21 -9.37
N SER A 116 3.69 13.59 -10.58
CA SER A 116 5.08 13.55 -11.02
C SER A 116 5.25 14.37 -12.30
N ALA A 117 6.43 14.96 -12.48
CA ALA A 117 6.73 15.72 -13.68
C ALA A 117 7.44 14.85 -14.72
N ALA A 118 7.68 13.59 -14.39
CA ALA A 118 8.43 12.70 -15.27
C ALA A 118 7.69 12.35 -16.54
N LYS A 119 8.44 12.12 -17.62
CA LYS A 119 7.89 11.52 -18.82
C LYS A 119 8.11 10.02 -18.72
N THR A 120 7.52 9.27 -19.65
CA THR A 120 7.73 7.82 -19.69
C THR A 120 9.21 7.50 -19.74
N THR A 121 9.66 6.66 -18.82
CA THR A 121 11.08 6.35 -18.68
C THR A 121 11.28 4.87 -18.34
N PRO A 122 12.05 4.14 -19.16
CA PRO A 122 12.30 2.73 -18.85
C PRO A 122 13.27 2.59 -17.67
N PRO A 123 13.19 1.48 -16.94
CA PRO A 123 14.06 1.28 -15.78
C PRO A 123 15.50 0.96 -16.16
N SER A 124 16.42 1.38 -15.30
CA SER A 124 17.77 0.84 -15.31
C SER A 124 17.77 -0.35 -14.37
N VAL A 125 18.30 -1.47 -14.82
CA VAL A 125 18.28 -2.69 -14.02
C VAL A 125 19.70 -3.09 -13.64
N TYR A 126 19.95 -3.19 -12.33
CA TYR A 126 21.27 -3.49 -11.81
C TYR A 126 21.29 -4.79 -11.01
N PRO A 127 22.35 -5.58 -11.19
CA PRO A 127 22.47 -6.86 -10.47
C PRO A 127 22.84 -6.68 -9.01
N LEU A 128 22.27 -7.52 -8.15
CA LEU A 128 22.68 -7.54 -6.75
C LEU A 128 23.33 -8.89 -6.46
N ALA A 129 24.66 -8.91 -6.49
CA ALA A 129 25.41 -10.12 -6.22
C ALA A 129 26.13 -9.96 -4.89
N PRO A 130 26.24 -11.05 -4.12
CA PRO A 130 26.90 -11.03 -2.81
C PRO A 130 28.35 -10.58 -2.95
N GLY A 131 28.85 -9.85 -1.95
CA GLY A 131 30.24 -9.47 -1.94
C GLY A 131 31.12 -10.66 -1.61
N SER A 138 23.64 -22.63 3.23
CA SER A 138 23.25 -23.56 2.19
C SER A 138 22.37 -22.87 1.15
N MET A 139 21.84 -21.71 1.51
CA MET A 139 21.05 -20.91 0.60
C MET A 139 21.78 -19.60 0.31
N VAL A 140 21.58 -19.05 -0.87
CA VAL A 140 22.17 -17.76 -1.21
C VAL A 140 21.06 -16.83 -1.72
N THR A 141 21.13 -15.57 -1.31
CA THR A 141 20.16 -14.58 -1.74
C THR A 141 20.78 -13.62 -2.74
N LEU A 142 20.11 -13.48 -3.89
CA LEU A 142 20.53 -12.58 -4.94
C LEU A 142 19.43 -11.55 -5.16
N GLY A 143 19.69 -10.56 -6.00
CA GLY A 143 18.62 -9.64 -6.32
C GLY A 143 18.88 -8.77 -7.54
N CYS A 144 17.89 -7.94 -7.86
N CYS A 144 17.89 -7.92 -7.83
CA CYS A 144 18.13 -6.90 -8.85
CA CYS A 144 18.00 -6.93 -8.88
C CYS A 144 17.42 -5.63 -8.45
C CYS A 144 17.42 -5.61 -8.39
N LEU A 145 18.07 -4.51 -8.74
CA LEU A 145 17.58 -3.19 -8.40
C LEU A 145 17.02 -2.57 -9.66
N VAL A 146 15.75 -2.19 -9.62
CA VAL A 146 15.05 -1.67 -10.78
C VAL A 146 14.79 -0.19 -10.53
N LYS A 147 15.58 0.68 -11.16
N LYS A 147 15.56 0.67 -11.18
CA LYS A 147 15.65 2.07 -10.75
CA LYS A 147 15.66 2.06 -10.77
C LYS A 147 15.34 3.09 -11.83
C LYS A 147 15.34 3.09 -11.84
N GLY A 148 14.65 4.15 -11.44
CA GLY A 148 14.45 5.31 -12.30
C GLY A 148 13.44 5.17 -13.42
N TYR A 149 12.34 4.47 -13.17
CA TYR A 149 11.33 4.30 -14.20
C TYR A 149 10.05 5.08 -13.91
N PHE A 150 9.25 5.29 -14.96
CA PHE A 150 7.96 5.94 -14.82
C PHE A 150 7.12 5.62 -16.05
N PRO A 151 5.83 5.34 -15.86
CA PRO A 151 5.11 5.18 -14.59
C PRO A 151 5.07 3.71 -14.18
N GLU A 152 4.33 3.41 -13.12
CA GLU A 152 4.03 2.03 -12.75
C GLU A 152 3.12 1.44 -13.83
N PRO A 153 3.14 0.11 -13.99
CA PRO A 153 3.91 -0.89 -13.26
C PRO A 153 5.10 -1.44 -14.04
N VAL A 154 5.90 -2.26 -13.37
CA VAL A 154 6.85 -3.14 -14.06
C VAL A 154 6.50 -4.56 -13.65
N THR A 155 6.93 -5.53 -14.46
CA THR A 155 6.79 -6.93 -14.09
C THR A 155 8.17 -7.55 -13.98
N VAL A 156 8.50 -8.04 -12.80
CA VAL A 156 9.78 -8.67 -12.57
C VAL A 156 9.63 -10.18 -12.48
N THR A 157 10.44 -10.91 -13.24
CA THR A 157 10.50 -12.36 -13.12
C THR A 157 11.94 -12.79 -12.96
N TRP A 158 12.13 -14.05 -12.60
CA TRP A 158 13.45 -14.63 -12.48
C TRP A 158 13.51 -15.87 -13.35
N ASN A 159 14.55 -15.97 -14.18
CA ASN A 159 14.68 -17.06 -15.15
C ASN A 159 13.41 -17.26 -15.99
N SER A 160 12.94 -16.16 -16.56
CA SER A 160 11.75 -16.15 -17.40
C SER A 160 10.51 -16.74 -16.71
N GLY A 161 10.49 -16.68 -15.39
CA GLY A 161 9.34 -17.15 -14.63
C GLY A 161 9.47 -18.54 -14.04
N SER A 162 10.49 -19.28 -14.46
CA SER A 162 10.67 -20.65 -13.97
C SER A 162 11.12 -20.66 -12.52
N LEU A 163 11.72 -19.56 -12.09
CA LEU A 163 12.17 -19.39 -10.72
C LEU A 163 11.21 -18.48 -9.99
N SER A 164 10.25 -19.07 -9.28
CA SER A 164 9.18 -18.29 -8.66
C SER A 164 9.12 -18.47 -7.14
N SER A 165 9.63 -19.59 -6.66
CA SER A 165 9.71 -19.83 -5.21
C SER A 165 10.87 -19.04 -4.63
N GLY A 166 10.68 -18.51 -3.43
CA GLY A 166 11.72 -17.77 -2.75
C GLY A 166 11.99 -16.41 -3.36
N VAL A 167 11.00 -15.87 -4.08
CA VAL A 167 11.11 -14.55 -4.69
C VAL A 167 10.33 -13.51 -3.89
N HIS A 168 10.96 -12.37 -3.64
CA HIS A 168 10.29 -11.23 -3.03
C HIS A 168 10.48 -9.99 -3.90
N THR A 169 9.42 -9.54 -4.55
CA THR A 169 9.48 -8.29 -5.28
C THR A 169 8.76 -7.19 -4.50
N PHE A 170 9.51 -6.18 -4.10
CA PHE A 170 9.01 -5.17 -3.17
C PHE A 170 8.27 -4.05 -3.89
N PRO A 171 7.27 -3.47 -3.22
CA PRO A 171 6.53 -2.33 -3.77
C PRO A 171 7.48 -1.19 -4.12
N ALA A 172 7.25 -0.55 -5.26
CA ALA A 172 8.10 0.56 -5.69
C ALA A 172 7.87 1.79 -4.83
N VAL A 173 8.89 2.63 -4.76
CA VAL A 173 8.82 3.90 -4.04
C VAL A 173 9.16 5.01 -5.02
N LEU A 174 8.40 6.09 -4.99
CA LEU A 174 8.64 7.23 -5.85
C LEU A 174 9.67 8.17 -5.23
N GLN A 175 10.80 8.34 -5.90
CA GLN A 175 11.83 9.28 -5.44
C GLN A 175 12.34 10.14 -6.59
N SER A 176 12.33 11.46 -6.40
CA SER A 176 12.70 12.41 -7.45
C SER A 176 11.91 12.13 -8.72
N ASP A 177 10.61 11.93 -8.53
CA ASP A 177 9.64 11.76 -9.61
C ASP A 177 9.72 10.44 -10.38
N LEU A 178 10.63 9.56 -9.97
CA LEU A 178 10.79 8.27 -10.62
C LEU A 178 10.66 7.15 -9.62
N TYR A 179 10.24 5.97 -10.09
CA TYR A 179 10.07 4.81 -9.22
C TYR A 179 11.35 3.98 -9.12
N THR A 180 11.55 3.38 -7.95
CA THR A 180 12.61 2.41 -7.75
C THR A 180 12.05 1.24 -6.97
N LEU A 181 12.40 0.02 -7.39
CA LEU A 181 12.10 -1.16 -6.58
C LEU A 181 13.23 -2.16 -6.62
N SER A 182 13.19 -3.12 -5.71
N SER A 182 13.19 -3.11 -5.70
CA SER A 182 14.13 -4.22 -5.70
CA SER A 182 14.13 -4.22 -5.68
C SER A 182 13.38 -5.54 -5.66
C SER A 182 13.37 -5.54 -5.66
N SER A 183 14.03 -6.60 -6.12
CA SER A 183 13.47 -7.93 -6.06
C SER A 183 14.59 -8.84 -5.57
N SER A 184 14.28 -9.73 -4.63
CA SER A 184 15.26 -10.69 -4.16
C SER A 184 14.82 -12.10 -4.52
N VAL A 185 15.80 -12.98 -4.70
CA VAL A 185 15.51 -14.39 -4.90
C VAL A 185 16.50 -15.21 -4.10
N THR A 186 16.01 -16.28 -3.49
CA THR A 186 16.87 -17.14 -2.69
C THR A 186 16.89 -18.55 -3.29
N VAL A 187 18.10 -19.03 -3.55
CA VAL A 187 18.30 -20.34 -4.18
C VAL A 187 19.36 -21.11 -3.42
N PRO A 188 19.39 -22.45 -3.57
CA PRO A 188 20.45 -23.22 -2.92
C PRO A 188 21.81 -22.80 -3.43
N SER A 189 22.80 -22.75 -2.55
CA SER A 189 24.15 -22.35 -2.94
C SER A 189 24.73 -23.31 -3.98
N SER A 190 24.16 -24.51 -4.05
CA SER A 190 24.65 -25.50 -5.01
C SER A 190 24.22 -25.15 -6.43
N THR A 191 23.32 -24.17 -6.56
CA THR A 191 22.81 -23.82 -7.89
C THR A 191 23.32 -22.48 -8.42
N TRP A 192 23.90 -21.65 -7.55
CA TRP A 192 24.51 -20.41 -8.03
C TRP A 192 25.84 -20.24 -7.29
N PRO A 193 26.89 -19.83 -8.01
CA PRO A 193 26.90 -19.38 -9.41
C PRO A 193 27.07 -20.48 -10.46
N SER A 194 26.90 -21.74 -10.09
CA SER A 194 27.14 -22.82 -11.04
C SER A 194 26.07 -22.92 -12.12
N GLU A 195 24.88 -22.39 -11.83
CA GLU A 195 23.83 -22.28 -12.84
C GLU A 195 23.42 -20.83 -12.99
N THR A 196 22.78 -20.52 -14.11
CA THR A 196 22.43 -19.14 -14.44
C THR A 196 21.18 -18.67 -13.70
N VAL A 197 21.29 -17.50 -13.09
CA VAL A 197 20.13 -16.82 -12.50
C VAL A 197 20.02 -15.42 -13.11
N THR A 198 18.88 -15.14 -13.71
CA THR A 198 18.68 -13.91 -14.47
C THR A 198 17.38 -13.24 -14.08
N CYS A 199 17.46 -11.92 -13.87
N CYS A 199 17.43 -11.94 -13.81
CA CYS A 199 16.32 -11.07 -13.59
CA CYS A 199 16.19 -11.22 -13.57
C CYS A 199 15.75 -10.54 -14.92
C CYS A 199 15.74 -10.56 -14.86
N ASN A 200 14.44 -10.66 -15.12
CA ASN A 200 13.82 -10.08 -16.31
C ASN A 200 12.86 -8.99 -15.88
N VAL A 201 12.95 -7.83 -16.51
CA VAL A 201 12.11 -6.69 -16.11
C VAL A 201 11.38 -6.10 -17.30
N ALA A 202 10.06 -6.26 -17.32
CA ALA A 202 9.22 -5.70 -18.36
C ALA A 202 8.57 -4.41 -17.89
N HIS A 203 8.52 -3.41 -18.76
CA HIS A 203 7.90 -2.14 -18.43
C HIS A 203 6.93 -1.78 -19.55
N PRO A 204 5.64 -2.07 -19.36
CA PRO A 204 4.65 -1.88 -20.43
C PRO A 204 4.64 -0.49 -21.04
N ALA A 205 4.73 0.55 -20.22
CA ALA A 205 4.61 1.92 -20.71
C ALA A 205 5.68 2.28 -21.75
N SER A 206 6.88 1.73 -21.59
CA SER A 206 7.96 2.00 -22.51
C SER A 206 8.11 0.88 -23.54
N SER A 207 7.27 -0.14 -23.42
CA SER A 207 7.31 -1.32 -24.29
C SER A 207 8.69 -1.96 -24.32
N THR A 208 9.30 -2.08 -23.14
CA THR A 208 10.64 -2.66 -23.02
C THR A 208 10.65 -3.88 -22.12
N LYS A 209 11.61 -4.77 -22.36
CA LYS A 209 11.87 -5.86 -21.44
C LYS A 209 13.36 -6.18 -21.48
N VAL A 210 14.02 -6.12 -20.33
CA VAL A 210 15.45 -6.32 -20.28
C VAL A 210 15.82 -7.44 -19.32
N ASP A 211 16.94 -8.10 -19.59
CA ASP A 211 17.46 -9.15 -18.72
C ASP A 211 18.73 -8.69 -18.04
N LYS A 212 18.95 -9.18 -16.82
CA LYS A 212 20.20 -8.95 -16.13
C LYS A 212 20.64 -10.24 -15.46
N LYS A 213 21.72 -10.83 -15.95
CA LYS A 213 22.26 -12.03 -15.34
C LYS A 213 23.03 -11.66 -14.10
N ILE A 214 22.83 -12.43 -13.03
CA ILE A 214 23.56 -12.19 -11.80
C ILE A 214 24.85 -12.97 -11.81
N VAL A 215 25.98 -12.27 -11.87
CA VAL A 215 27.29 -12.92 -11.85
C VAL A 215 28.06 -12.53 -10.59
N PRO A 216 28.83 -13.47 -10.03
CA PRO A 216 29.61 -13.19 -8.82
C PRO A 216 30.62 -12.06 -9.06
N ARG A 217 30.83 -11.17 -8.09
CA ARG A 217 31.84 -10.08 -8.26
C ARG A 217 33.20 -10.71 -8.08
N ASP B 1 -14.17 16.91 15.49
CA ASP B 1 -14.65 15.76 14.75
C ASP B 1 -14.76 14.54 15.66
N VAL B 2 -15.63 13.61 15.30
CA VAL B 2 -15.77 12.37 16.05
C VAL B 2 -14.56 11.47 15.80
N LEU B 3 -13.89 11.07 16.88
CA LEU B 3 -12.76 10.15 16.77
C LEU B 3 -13.25 8.72 16.88
N MET B 4 -12.86 7.88 15.92
CA MET B 4 -13.19 6.47 15.96
C MET B 4 -11.95 5.69 16.35
N THR B 5 -11.98 5.04 17.50
CA THR B 5 -10.83 4.30 18.00
C THR B 5 -11.02 2.80 17.85
N GLN B 6 -10.24 2.20 16.96
CA GLN B 6 -10.32 0.76 16.72
C GLN B 6 -9.27 -0.01 17.50
N THR B 7 -9.69 -1.11 18.11
CA THR B 7 -8.79 -2.00 18.82
C THR B 7 -9.15 -3.45 18.50
N PRO B 8 -8.13 -4.32 18.36
CA PRO B 8 -6.70 -3.98 18.39
C PRO B 8 -6.25 -3.44 17.05
N LEU B 9 -5.03 -2.90 16.99
CA LEU B 9 -4.47 -2.45 15.72
C LEU B 9 -4.19 -3.65 14.83
N SER B 10 -3.75 -4.72 15.45
CA SER B 10 -3.41 -5.94 14.74
C SER B 10 -3.95 -7.16 15.48
N LEU B 11 -4.53 -8.10 14.75
CA LEU B 11 -5.08 -9.30 15.35
C LEU B 11 -4.63 -10.54 14.59
N PRO B 12 -3.63 -11.25 15.11
CA PRO B 12 -3.19 -12.51 14.54
C PRO B 12 -4.19 -13.61 14.87
N VAL B 13 -4.62 -14.35 13.85
CA VAL B 13 -5.57 -15.43 14.04
C VAL B 13 -5.15 -16.66 13.26
N SER B 14 -5.64 -17.82 13.70
CA SER B 14 -5.51 -19.02 12.91
C SER B 14 -6.83 -19.23 12.20
N LEU B 15 -6.80 -19.86 11.03
CA LEU B 15 -8.03 -20.13 10.31
C LEU B 15 -8.93 -21.00 11.19
N GLY B 16 -10.21 -20.66 11.24
CA GLY B 16 -11.16 -21.35 12.11
C GLY B 16 -11.39 -20.67 13.45
N ASP B 17 -10.52 -19.72 13.80
CA ASP B 17 -10.64 -18.99 15.07
C ASP B 17 -11.86 -18.09 15.10
N GLN B 18 -12.27 -17.72 16.32
CA GLN B 18 -13.19 -16.62 16.51
C GLN B 18 -12.37 -15.34 16.50
N ALA B 19 -12.94 -14.27 15.95
CA ALA B 19 -12.28 -12.98 15.97
C ALA B 19 -13.26 -11.90 16.39
N SER B 20 -12.78 -10.94 17.16
CA SER B 20 -13.62 -9.84 17.64
C SER B 20 -12.85 -8.52 17.52
N ILE B 21 -13.47 -7.54 16.87
CA ILE B 21 -12.85 -6.24 16.65
C ILE B 21 -13.73 -5.16 17.26
N SER B 22 -13.12 -4.22 17.98
CA SER B 22 -13.88 -3.17 18.65
C SER B 22 -13.70 -1.80 18.00
N CYS B 23 -14.78 -1.01 18.02
CA CYS B 23 -14.76 0.35 17.51
C CYS B 23 -15.50 1.24 18.51
N ARG B 24 -14.78 2.20 19.09
CA ARG B 24 -15.39 3.12 20.05
C ARG B 24 -15.38 4.54 19.49
N SER B 25 -16.51 5.23 19.61
CA SER B 25 -16.59 6.62 19.16
C SER B 25 -16.40 7.57 20.34
N SER B 26 -15.89 8.77 20.06
CA SER B 26 -15.61 9.74 21.12
C SER B 26 -16.89 10.40 21.65
N GLN B 27 -17.96 10.32 20.87
CA GLN B 27 -19.27 10.77 21.31
C GLN B 27 -20.32 9.88 20.67
N SER B 28 -21.57 10.02 21.12
CA SER B 28 -22.65 9.20 20.58
C SER B 28 -22.78 9.39 19.08
N ILE B 29 -22.96 8.30 18.34
CA ILE B 29 -23.19 8.42 16.91
C ILE B 29 -24.61 8.03 16.52
N VAL B 30 -25.55 8.25 17.44
CA VAL B 30 -26.96 8.19 17.10
C VAL B 30 -27.30 9.47 16.37
N HIS B 31 -27.81 9.33 15.14
CA HIS B 31 -28.16 10.46 14.30
C HIS B 31 -29.43 11.11 14.83
N SER B 32 -29.67 12.36 14.46
CA SER B 32 -30.86 13.07 14.90
C SER B 32 -32.15 12.42 14.41
N ASN B 33 -32.07 11.63 13.33
CA ASN B 33 -33.25 10.94 12.81
C ASN B 33 -33.55 9.64 13.56
N GLY B 34 -32.71 9.32 14.54
CA GLY B 34 -32.92 8.16 15.39
C GLY B 34 -32.03 6.97 15.06
N ASN B 35 -31.51 6.93 13.84
CA ASN B 35 -30.69 5.82 13.41
C ASN B 35 -29.23 5.98 13.80
N THR B 36 -28.50 4.87 13.84
CA THR B 36 -27.07 4.90 14.08
C THR B 36 -26.34 4.41 12.84
N TYR B 37 -25.63 5.32 12.18
CA TYR B 37 -24.89 4.99 10.98
C TYR B 37 -23.47 4.57 11.31
N LEU B 38 -23.30 3.28 11.55
CA LEU B 38 -22.00 2.69 11.83
C LEU B 38 -21.82 1.54 10.85
N GLU B 39 -20.75 1.60 10.08
CA GLU B 39 -20.48 0.59 9.06
C GLU B 39 -19.12 -0.07 9.27
N TRP B 40 -19.01 -1.31 8.83
CA TRP B 40 -17.74 -2.02 8.85
C TRP B 40 -17.34 -2.40 7.44
N TYR B 41 -16.07 -2.22 7.11
CA TYR B 41 -15.53 -2.56 5.80
C TYR B 41 -14.33 -3.48 5.92
N LEU B 42 -14.16 -4.34 4.92
CA LEU B 42 -12.93 -5.13 4.79
C LEU B 42 -12.21 -4.72 3.52
N GLN B 43 -10.92 -4.41 3.62
CA GLN B 43 -10.15 -4.06 2.44
C GLN B 43 -8.92 -4.96 2.26
N LYS B 44 -8.77 -5.52 1.07
CA LYS B 44 -7.54 -6.24 0.70
C LYS B 44 -6.62 -5.35 -0.12
N PRO B 45 -5.32 -5.69 -0.17
CA PRO B 45 -4.38 -4.89 -0.96
C PRO B 45 -4.79 -4.75 -2.42
N GLY B 46 -4.78 -3.52 -2.93
CA GLY B 46 -5.08 -3.26 -4.33
C GLY B 46 -6.56 -3.26 -4.66
N GLN B 47 -7.41 -3.38 -3.66
CA GLN B 47 -8.85 -3.45 -3.88
C GLN B 47 -9.58 -2.33 -3.17
N SER B 48 -10.81 -2.08 -3.60
CA SER B 48 -11.64 -1.11 -2.91
C SER B 48 -12.15 -1.73 -1.61
N PRO B 49 -12.51 -0.89 -0.64
CA PRO B 49 -13.08 -1.42 0.58
C PRO B 49 -14.43 -2.05 0.28
N LYS B 50 -14.73 -3.14 0.95
CA LYS B 50 -15.98 -3.85 0.71
C LYS B 50 -16.86 -3.77 1.95
N LEU B 51 -18.11 -3.35 1.75
CA LEU B 51 -19.03 -3.22 2.88
C LEU B 51 -19.42 -4.58 3.46
N LEU B 52 -19.30 -4.72 4.77
CA LEU B 52 -19.72 -5.93 5.45
C LEU B 52 -21.03 -5.71 6.20
N ILE B 53 -21.03 -4.66 7.03
CA ILE B 53 -22.13 -4.39 7.95
C ILE B 53 -22.50 -2.91 7.84
N TYR B 54 -23.79 -2.60 7.80
CA TYR B 54 -24.21 -1.21 7.85
C TYR B 54 -25.31 -1.03 8.90
N LYS B 55 -25.48 0.21 9.35
CA LYS B 55 -26.40 0.50 10.46
C LYS B 55 -26.23 -0.48 11.62
N VAL B 56 -24.97 -0.59 12.06
CA VAL B 56 -24.57 -1.36 13.25
C VAL B 56 -24.59 -2.88 13.10
N SER B 57 -25.71 -3.43 12.63
CA SER B 57 -25.91 -4.88 12.72
C SER B 57 -26.44 -5.53 11.44
N ASN B 58 -26.62 -4.75 10.39
CA ASN B 58 -27.19 -5.27 9.15
C ASN B 58 -26.14 -5.74 8.15
N ARG B 59 -26.23 -7.01 7.75
CA ARG B 59 -25.29 -7.58 6.79
CA ARG B 59 -25.27 -7.55 6.80
C ARG B 59 -25.60 -7.11 5.38
N PHE B 60 -24.60 -6.60 4.68
CA PHE B 60 -24.76 -6.21 3.29
C PHE B 60 -25.01 -7.47 2.47
N SER B 61 -25.75 -7.33 1.38
CA SER B 61 -26.09 -8.47 0.53
C SER B 61 -24.84 -9.19 0.05
N GLY B 62 -24.83 -10.52 0.20
CA GLY B 62 -23.74 -11.33 -0.29
C GLY B 62 -22.62 -11.58 0.71
N VAL B 63 -22.68 -10.89 1.84
CA VAL B 63 -21.69 -11.08 2.91
C VAL B 63 -22.01 -12.35 3.70
N PRO B 64 -21.00 -13.23 3.87
CA PRO B 64 -21.17 -14.49 4.60
C PRO B 64 -21.73 -14.29 6.00
N ASP B 65 -22.53 -15.23 6.47
CA ASP B 65 -23.18 -15.06 7.77
C ASP B 65 -22.21 -15.21 8.95
N ARG B 66 -20.96 -15.60 8.68
CA ARG B 66 -19.99 -15.66 9.76
C ARG B 66 -19.62 -14.26 10.28
N PHE B 67 -19.99 -13.24 9.52
CA PHE B 67 -19.79 -11.86 9.95
C PHE B 67 -21.02 -11.34 10.67
N SER B 68 -20.82 -10.71 11.83
CA SER B 68 -21.92 -10.07 12.54
C SER B 68 -21.47 -8.81 13.26
N GLY B 69 -22.32 -7.80 13.26
CA GLY B 69 -22.02 -6.56 13.94
C GLY B 69 -23.02 -6.28 15.04
N SER B 70 -22.56 -5.63 16.10
CA SER B 70 -23.45 -5.22 17.19
C SER B 70 -22.95 -3.96 17.86
N GLY B 71 -23.79 -3.37 18.70
CA GLY B 71 -23.37 -2.25 19.50
C GLY B 71 -24.44 -1.21 19.73
N SER B 72 -24.12 -0.24 20.58
CA SER B 72 -25.04 0.86 20.87
C SER B 72 -24.28 2.08 21.36
N GLY B 73 -24.71 3.25 20.89
CA GLY B 73 -24.19 4.51 21.37
C GLY B 73 -22.77 4.84 20.93
N THR B 74 -21.79 4.37 21.69
CA THR B 74 -20.39 4.67 21.41
C THR B 74 -19.56 3.40 21.31
N ASP B 75 -20.21 2.25 21.42
CA ASP B 75 -19.53 0.98 21.65
C ASP B 75 -19.98 -0.07 20.64
N PHE B 76 -19.09 -0.42 19.71
CA PHE B 76 -19.44 -1.31 18.60
C PHE B 76 -18.43 -2.43 18.39
N THR B 77 -18.93 -3.56 17.90
CA THR B 77 -18.11 -4.76 17.76
C THR B 77 -18.45 -5.53 16.48
N LEU B 78 -17.40 -5.94 15.77
CA LEU B 78 -17.55 -6.84 14.64
C LEU B 78 -17.01 -8.21 15.05
N LYS B 79 -17.76 -9.27 14.77
CA LYS B 79 -17.30 -10.63 15.09
C LYS B 79 -17.25 -11.52 13.85
N ILE B 80 -16.23 -12.37 13.80
CA ILE B 80 -16.16 -13.38 12.75
C ILE B 80 -16.21 -14.76 13.39
N ASN B 81 -17.24 -15.52 13.03
CA ASN B 81 -17.41 -16.89 13.52
C ASN B 81 -16.70 -17.88 12.59
N ARG B 82 -15.45 -18.20 12.95
CA ARG B 82 -14.55 -19.08 12.18
C ARG B 82 -13.95 -18.38 10.94
N VAL B 83 -12.77 -17.82 11.15
CA VAL B 83 -12.07 -17.04 10.13
C VAL B 83 -11.63 -17.90 8.95
N GLU B 84 -11.91 -17.41 7.74
CA GLU B 84 -11.44 -18.04 6.52
C GLU B 84 -10.33 -17.17 5.93
N ALA B 85 -9.55 -17.75 5.01
CA ALA B 85 -8.41 -17.05 4.43
C ALA B 85 -8.79 -15.73 3.76
N GLU B 86 -9.96 -15.71 3.11
CA GLU B 86 -10.40 -14.52 2.40
C GLU B 86 -10.82 -13.39 3.34
N ASP B 87 -10.84 -13.67 4.65
CA ASP B 87 -11.19 -12.66 5.65
C ASP B 87 -9.98 -11.85 6.09
N LEU B 88 -8.80 -12.28 5.70
CA LEU B 88 -7.58 -11.59 6.09
C LEU B 88 -7.46 -10.28 5.31
N GLY B 89 -7.06 -9.21 6.01
CA GLY B 89 -7.00 -7.89 5.42
C GLY B 89 -7.17 -6.84 6.49
N ILE B 90 -7.53 -5.63 6.09
CA ILE B 90 -7.71 -4.54 7.05
C ILE B 90 -9.18 -4.19 7.18
N TYR B 91 -9.64 -4.13 8.43
CA TYR B 91 -11.02 -3.78 8.74
C TYR B 91 -11.13 -2.34 9.21
N TYR B 92 -12.09 -1.60 8.66
CA TYR B 92 -12.33 -0.22 9.06
C TYR B 92 -13.76 -0.06 9.54
N CYS B 93 -13.95 0.71 10.61
CA CYS B 93 -15.28 1.18 10.95
C CYS B 93 -15.44 2.61 10.43
N LEU B 94 -16.69 3.00 10.17
CA LEU B 94 -17.00 4.32 9.66
C LEU B 94 -18.27 4.81 10.34
N GLN B 95 -18.23 6.02 10.90
CA GLN B 95 -19.45 6.62 11.42
C GLN B 95 -20.01 7.59 10.38
N GLY B 96 -21.31 7.50 10.14
CA GLY B 96 -21.96 8.33 9.14
C GLY B 96 -23.00 9.26 9.73
N SER B 97 -22.92 9.47 11.05
CA SER B 97 -23.94 10.25 11.74
C SER B 97 -23.61 11.73 11.91
N HIS B 98 -22.32 12.05 11.98
CA HIS B 98 -21.90 13.43 12.20
C HIS B 98 -20.84 13.86 11.20
N VAL B 99 -21.09 14.94 10.47
CA VAL B 99 -20.07 15.45 9.55
C VAL B 99 -19.00 16.24 10.31
N PRO B 100 -17.73 16.07 9.93
CA PRO B 100 -17.28 15.21 8.83
C PRO B 100 -17.32 13.73 9.20
N LEU B 101 -17.67 12.89 8.24
CA LEU B 101 -17.70 11.45 8.49
C LEU B 101 -16.28 11.00 8.76
N THR B 102 -16.12 10.02 9.64
CA THR B 102 -14.79 9.62 10.07
C THR B 102 -14.64 8.11 10.17
N PHE B 103 -13.44 7.63 9.82
CA PHE B 103 -13.10 6.22 9.86
C PHE B 103 -12.19 5.93 11.04
N GLY B 104 -12.25 4.69 11.53
CA GLY B 104 -11.24 4.20 12.44
C GLY B 104 -9.94 4.00 11.68
N ALA B 105 -8.84 3.81 12.42
CA ALA B 105 -7.52 3.72 11.79
C ALA B 105 -7.27 2.34 11.17
N GLY B 106 -8.17 1.40 11.41
CA GLY B 106 -8.05 0.08 10.83
C GLY B 106 -7.53 -0.97 11.79
N THR B 107 -8.01 -2.20 11.61
CA THR B 107 -7.51 -3.35 12.33
C THR B 107 -7.05 -4.37 11.31
N THR B 108 -5.79 -4.76 11.36
CA THR B 108 -5.29 -5.77 10.44
C THR B 108 -5.50 -7.17 10.98
N LEU B 109 -6.23 -7.98 10.22
CA LEU B 109 -6.38 -9.39 10.53
C LEU B 109 -5.33 -10.14 9.71
N GLU B 110 -4.41 -10.81 10.40
CA GLU B 110 -3.31 -11.50 9.74
C GLU B 110 -3.23 -12.92 10.25
N LEU B 111 -2.53 -13.79 9.52
CA LEU B 111 -2.41 -15.18 9.91
C LEU B 111 -1.30 -15.35 10.93
N LYS B 112 -1.59 -16.06 12.02
CA LYS B 112 -0.58 -16.34 13.03
C LYS B 112 0.39 -17.41 12.54
N ARG B 113 1.66 -17.23 12.88
CA ARG B 113 2.67 -18.26 12.65
C ARG B 113 3.77 -18.10 13.70
N ALA B 114 4.73 -19.01 13.70
CA ALA B 114 5.85 -18.94 14.64
C ALA B 114 6.68 -17.69 14.41
N ASP B 115 7.14 -17.06 15.48
CA ASP B 115 8.05 -15.94 15.37
C ASP B 115 9.28 -16.37 14.58
N ALA B 116 9.78 -15.48 13.72
CA ALA B 116 10.93 -15.79 12.89
C ALA B 116 11.84 -14.57 12.74
N ALA B 117 13.13 -14.77 12.96
CA ALA B 117 14.10 -13.69 12.79
C ALA B 117 14.33 -13.46 11.31
N PRO B 118 14.62 -12.21 10.91
CA PRO B 118 14.86 -11.91 9.51
C PRO B 118 16.15 -12.54 8.99
N THR B 119 16.16 -12.92 7.73
CA THR B 119 17.38 -13.27 7.04
C THR B 119 17.88 -11.99 6.37
N VAL B 120 19.05 -11.52 6.79
CA VAL B 120 19.54 -10.23 6.34
C VAL B 120 20.68 -10.38 5.34
N SER B 121 20.56 -9.68 4.22
CA SER B 121 21.59 -9.71 3.18
C SER B 121 21.92 -8.29 2.72
N ILE B 122 23.20 -7.97 2.61
N ILE B 122 23.19 -7.98 2.60
CA ILE B 122 23.64 -6.65 2.17
CA ILE B 122 23.61 -6.65 2.15
C ILE B 122 24.30 -6.74 0.79
C ILE B 122 24.31 -6.73 0.80
N PHE B 123 24.09 -5.73 -0.04
CA PHE B 123 24.67 -5.69 -1.37
C PHE B 123 25.29 -4.35 -1.70
N PRO B 124 26.56 -4.35 -2.11
CA PRO B 124 27.26 -3.15 -2.57
C PRO B 124 26.69 -2.71 -3.91
N PRO B 125 26.91 -1.46 -4.31
CA PRO B 125 26.48 -1.00 -5.63
C PRO B 125 27.12 -1.83 -6.73
N SER B 126 26.36 -2.11 -7.78
CA SER B 126 26.89 -2.81 -8.95
C SER B 126 27.87 -1.89 -9.68
N SER B 127 28.82 -2.49 -10.39
CA SER B 127 29.76 -1.72 -11.21
C SER B 127 29.01 -0.97 -12.30
N GLU B 128 27.92 -1.56 -12.78
CA GLU B 128 27.06 -0.91 -13.76
C GLU B 128 26.50 0.41 -13.24
N GLN B 129 26.02 0.42 -12.00
CA GLN B 129 25.44 1.65 -11.45
C GLN B 129 26.52 2.71 -11.24
N LEU B 130 27.68 2.28 -10.77
CA LEU B 130 28.79 3.19 -10.50
C LEU B 130 29.27 3.91 -11.77
N THR B 131 29.30 3.16 -12.87
CA THR B 131 29.64 3.72 -14.18
C THR B 131 28.69 4.88 -14.54
N SER B 132 27.46 4.81 -14.04
CA SER B 132 26.47 5.85 -14.28
CA SER B 132 26.47 5.85 -14.28
C SER B 132 26.58 6.99 -13.27
N GLY B 133 27.51 6.84 -12.33
CA GLY B 133 27.76 7.86 -11.33
C GLY B 133 26.82 7.80 -10.15
N GLY B 134 26.16 6.66 -9.96
CA GLY B 134 25.28 6.46 -8.83
C GLY B 134 25.72 5.31 -7.97
N ALA B 135 25.24 5.26 -6.73
CA ALA B 135 25.61 4.20 -5.81
C ALA B 135 24.51 3.89 -4.80
N SER B 136 23.82 2.78 -5.01
CA SER B 136 22.80 2.32 -4.07
C SER B 136 23.28 1.09 -3.32
N VAL B 137 23.17 1.13 -2.00
CA VAL B 137 23.46 -0.02 -1.17
C VAL B 137 22.12 -0.62 -0.71
N VAL B 138 21.93 -1.91 -0.93
CA VAL B 138 20.63 -2.54 -0.67
C VAL B 138 20.72 -3.60 0.43
N CYS B 139 19.75 -3.55 1.35
N CYS B 139 19.80 -3.54 1.38
CA CYS B 139 19.63 -4.53 2.41
CA CYS B 139 19.68 -4.60 2.38
C CYS B 139 18.28 -5.24 2.30
C CYS B 139 18.31 -5.24 2.31
N PHE B 140 18.28 -6.56 2.25
CA PHE B 140 17.04 -7.32 2.30
C PHE B 140 16.90 -7.91 3.70
N LEU B 141 15.73 -7.70 4.30
CA LEU B 141 15.42 -8.28 5.59
C LEU B 141 14.25 -9.22 5.35
N ASN B 142 14.55 -10.51 5.15
CA ASN B 142 13.57 -11.42 4.57
C ASN B 142 12.95 -12.46 5.50
N ASN B 143 11.67 -12.74 5.27
CA ASN B 143 10.95 -13.84 5.91
C ASN B 143 10.97 -13.81 7.43
N PHE B 144 10.56 -12.67 7.99
CA PHE B 144 10.48 -12.54 9.44
C PHE B 144 9.02 -12.48 9.91
N TYR B 145 8.83 -12.68 11.21
CA TYR B 145 7.51 -12.56 11.82
C TYR B 145 7.70 -12.31 13.32
N PRO B 146 6.93 -11.37 13.90
CA PRO B 146 5.88 -10.53 13.33
C PRO B 146 6.41 -9.40 12.44
N LYS B 147 5.50 -8.56 11.93
CA LYS B 147 5.84 -7.61 10.88
C LYS B 147 6.64 -6.39 11.37
N ASP B 148 6.56 -6.06 12.65
CA ASP B 148 7.27 -4.91 13.18
C ASP B 148 8.77 -5.12 13.13
N ILE B 149 9.48 -4.17 12.52
CA ILE B 149 10.93 -4.27 12.38
C ILE B 149 11.53 -2.89 12.16
N ASN B 150 12.79 -2.74 12.57
CA ASN B 150 13.51 -1.49 12.37
C ASN B 150 14.87 -1.76 11.72
N VAL B 151 15.26 -0.87 10.82
CA VAL B 151 16.55 -0.98 10.17
C VAL B 151 17.37 0.28 10.41
N LYS B 152 18.67 0.10 10.65
CA LYS B 152 19.57 1.22 10.84
C LYS B 152 20.80 1.07 9.96
N TRP B 153 21.17 2.16 9.29
CA TRP B 153 22.33 2.17 8.41
C TRP B 153 23.52 2.83 9.06
N LYS B 154 24.71 2.25 8.85
CA LYS B 154 25.94 2.86 9.34
C LYS B 154 27.01 2.95 8.26
N ILE B 155 27.59 4.13 8.12
CA ILE B 155 28.73 4.33 7.24
C ILE B 155 29.95 4.67 8.07
N ASP B 156 30.96 3.83 7.98
CA ASP B 156 32.17 3.97 8.81
C ASP B 156 31.83 4.06 10.29
N GLY B 157 30.89 3.23 10.72
CA GLY B 157 30.49 3.17 12.12
C GLY B 157 29.56 4.28 12.55
N SER B 158 29.18 5.13 11.60
CA SER B 158 28.32 6.27 11.90
C SER B 158 26.93 6.15 11.29
N GLU B 159 25.92 6.44 12.10
CA GLU B 159 24.53 6.33 11.67
C GLU B 159 24.19 7.26 10.51
N ARG B 160 23.56 6.70 9.48
CA ARG B 160 23.16 7.45 8.30
C ARG B 160 21.64 7.42 8.15
N GLN B 161 21.02 8.58 8.00
CA GLN B 161 19.56 8.68 7.95
C GLN B 161 19.00 9.21 6.64
N ASN B 162 19.73 10.13 6.00
CA ASN B 162 19.28 10.69 4.73
C ASN B 162 19.59 9.77 3.55
N GLY B 163 18.66 9.70 2.61
CA GLY B 163 18.86 8.91 1.41
C GLY B 163 18.48 7.45 1.57
N VAL B 164 17.72 7.15 2.62
CA VAL B 164 17.26 5.79 2.89
C VAL B 164 15.80 5.63 2.53
N LEU B 165 15.51 4.65 1.67
CA LEU B 165 14.12 4.35 1.32
C LEU B 165 13.77 2.88 1.61
N ASN B 166 12.62 2.69 2.24
CA ASN B 166 12.20 1.37 2.66
C ASN B 166 10.93 0.91 1.96
N SER B 167 10.78 -0.40 1.82
CA SER B 167 9.57 -0.97 1.24
C SER B 167 9.27 -2.31 1.91
N TRP B 168 7.98 -2.59 2.09
CA TRP B 168 7.54 -3.77 2.82
C TRP B 168 6.58 -4.62 1.99
N THR B 169 6.73 -5.94 2.06
CA THR B 169 5.80 -6.84 1.38
C THR B 169 4.57 -7.11 2.24
N ASP B 170 3.51 -7.57 1.59
CA ASP B 170 2.34 -8.08 2.31
C ASP B 170 2.68 -9.46 2.84
N GLN B 171 1.86 -9.98 3.75
CA GLN B 171 2.11 -11.30 4.33
C GLN B 171 2.17 -12.38 3.25
N ASP B 172 3.22 -13.20 3.32
CA ASP B 172 3.48 -14.22 2.31
C ASP B 172 2.39 -15.29 2.29
N SER B 173 1.91 -15.62 1.09
CA SER B 173 0.84 -16.60 0.93
C SER B 173 1.29 -18.02 1.27
N LYS B 174 2.59 -18.26 1.23
CA LYS B 174 3.13 -19.61 1.44
C LYS B 174 3.57 -19.89 2.87
N ASP B 175 4.34 -18.98 3.47
CA ASP B 175 4.86 -19.20 4.82
C ASP B 175 4.43 -18.18 5.86
N SER B 176 3.54 -17.26 5.45
CA SER B 176 2.95 -16.26 6.34
C SER B 176 3.95 -15.29 6.98
N THR B 177 5.12 -15.14 6.39
CA THR B 177 6.11 -14.19 6.89
C THR B 177 6.03 -12.86 6.17
N TYR B 178 6.81 -11.90 6.64
CA TYR B 178 6.91 -10.58 6.03
C TYR B 178 8.35 -10.33 5.60
N SER B 179 8.55 -9.45 4.62
CA SER B 179 9.89 -9.07 4.21
C SER B 179 10.00 -7.55 4.03
N MET B 180 11.22 -7.04 4.06
CA MET B 180 11.46 -5.62 3.94
C MET B 180 12.72 -5.37 3.13
N SER B 181 12.69 -4.32 2.31
N SER B 181 12.70 -4.32 2.31
CA SER B 181 13.88 -3.89 1.58
CA SER B 181 13.88 -3.90 1.58
C SER B 181 14.25 -2.49 2.04
C SER B 181 14.25 -2.49 2.01
N SER B 182 15.54 -2.25 2.22
CA SER B 182 16.03 -0.93 2.58
C SER B 182 17.18 -0.55 1.65
N THR B 183 17.06 0.61 1.03
CA THR B 183 18.05 1.06 0.06
C THR B 183 18.65 2.41 0.45
N LEU B 184 19.97 2.44 0.55
CA LEU B 184 20.69 3.68 0.83
C LEU B 184 21.34 4.16 -0.46
N THR B 185 20.92 5.32 -0.95
CA THR B 185 21.43 5.84 -2.21
C THR B 185 22.32 7.07 -2.01
N LEU B 186 23.56 6.96 -2.49
CA LEU B 186 24.55 8.01 -2.41
C LEU B 186 24.98 8.38 -3.80
N THR B 187 25.70 9.48 -3.93
CA THR B 187 26.41 9.77 -5.16
C THR B 187 27.62 8.84 -5.17
N LYS B 188 28.11 8.51 -6.36
CA LYS B 188 29.30 7.68 -6.46
C LYS B 188 30.48 8.34 -5.74
N ASP B 189 30.57 9.65 -5.87
CA ASP B 189 31.65 10.40 -5.26
C ASP B 189 31.66 10.18 -3.75
N GLU B 190 30.50 10.31 -3.11
CA GLU B 190 30.43 10.13 -1.68
C GLU B 190 30.66 8.68 -1.26
N TYR B 191 30.18 7.75 -2.08
CA TYR B 191 30.35 6.33 -1.79
C TYR B 191 31.81 5.90 -1.73
N GLU B 192 32.64 6.51 -2.57
CA GLU B 192 34.04 6.10 -2.66
C GLU B 192 34.93 6.78 -1.62
N ARG B 193 34.36 7.67 -0.83
CA ARG B 193 35.12 8.34 0.22
C ARG B 193 34.90 7.69 1.58
N HIS B 194 34.15 6.59 1.60
CA HIS B 194 33.97 5.81 2.81
C HIS B 194 34.31 4.35 2.53
N ASN B 195 34.44 3.57 3.60
CA ASN B 195 34.94 2.20 3.45
C ASN B 195 33.93 1.13 3.84
N SER B 196 33.28 1.32 4.99
CA SER B 196 32.46 0.27 5.57
C SER B 196 31.00 0.64 5.57
N TYR B 197 30.16 -0.26 5.09
CA TYR B 197 28.73 -0.03 5.05
C TYR B 197 28.00 -1.12 5.81
N THR B 198 27.07 -0.70 6.65
CA THR B 198 26.45 -1.60 7.60
C THR B 198 24.95 -1.38 7.70
N CYS B 199 24.22 -2.49 7.72
N CYS B 199 24.19 -2.46 7.66
CA CYS B 199 22.77 -2.53 7.89
CA CYS B 199 22.77 -2.35 7.98
C CYS B 199 22.45 -3.34 9.14
C CYS B 199 22.45 -3.28 9.13
N GLU B 200 21.71 -2.76 10.09
CA GLU B 200 21.40 -3.46 11.33
C GLU B 200 19.90 -3.65 11.49
N ALA B 201 19.48 -4.90 11.67
CA ALA B 201 18.07 -5.22 11.77
C ALA B 201 17.66 -5.53 13.21
N THR B 202 16.77 -4.72 13.76
CA THR B 202 16.25 -4.97 15.10
C THR B 202 14.82 -5.50 15.04
N HIS B 203 14.63 -6.69 15.59
CA HIS B 203 13.35 -7.38 15.55
C HIS B 203 13.13 -8.02 16.91
N LYS B 204 11.87 -8.26 17.29
CA LYS B 204 11.54 -8.75 18.62
C LYS B 204 12.18 -10.10 18.96
N THR B 205 12.63 -10.83 17.94
CA THR B 205 13.20 -12.14 18.19
C THR B 205 14.55 -12.08 18.94
N SER B 206 15.12 -10.89 19.07
CA SER B 206 16.38 -10.71 19.80
C SER B 206 16.68 -9.26 20.17
N THR B 207 17.29 -9.03 21.32
CA THR B 207 17.63 -7.66 21.72
C THR B 207 18.85 -7.16 21.00
N SER B 208 19.61 -8.08 20.41
CA SER B 208 20.75 -7.67 19.63
C SER B 208 20.38 -7.64 18.16
N PRO B 209 20.71 -6.54 17.48
CA PRO B 209 20.45 -6.43 16.04
C PRO B 209 21.22 -7.47 15.23
N ILE B 210 20.68 -7.82 14.07
CA ILE B 210 21.39 -8.64 13.11
C ILE B 210 22.19 -7.69 12.23
N VAL B 211 23.50 -7.87 12.21
CA VAL B 211 24.38 -6.92 11.55
C VAL B 211 25.03 -7.51 10.31
N LYS B 212 24.81 -6.86 9.17
CA LYS B 212 25.49 -7.24 7.94
C LYS B 212 26.30 -6.06 7.42
N SER B 213 27.51 -6.35 6.97
CA SER B 213 28.41 -5.30 6.50
C SER B 213 29.26 -5.76 5.34
N PHE B 214 29.82 -4.79 4.63
CA PHE B 214 30.87 -5.08 3.67
C PHE B 214 31.84 -3.92 3.67
N ASN B 215 33.08 -4.21 3.26
CA ASN B 215 34.07 -3.17 3.12
C ASN B 215 34.44 -2.98 1.66
N ARG B 216 34.53 -1.72 1.24
CA ARG B 216 35.05 -1.42 -0.08
C ARG B 216 36.50 -1.87 -0.10
C20 XPG C . -18.04 6.93 2.41
C19 XPG C . -19.37 7.34 3.02
C18 XPG C . -20.49 6.36 2.68
C17 XPG C . -21.83 6.74 3.32
C16 XPG C . -21.87 6.49 4.82
C15 XPG C . -23.29 6.34 5.38
O15 XPG C . -23.89 5.20 4.78
C14 XPG C . -24.20 7.49 5.07
C13 XPG C . -25.05 7.98 5.97
C12 XPG C . -26.01 9.09 5.72
C11 XPG C . -27.43 8.58 6.00
O11 XPG C . -27.89 7.75 4.95
C10 XPG C . -28.27 9.84 6.12
C9 XPG C . -27.29 10.80 6.74
O9 XPG C . -27.61 11.88 7.23
C8 XPG C . -25.86 10.28 6.69
C7 XPG C . -24.84 11.38 6.34
C6 XPG C . -24.72 11.78 4.86
C5 XPG C . -25.92 12.56 4.29
C4 XPG C . -26.14 13.99 4.81
C3 XPG C . -27.23 14.76 4.06
C2 XPG C . -28.23 15.62 4.87
C1 XPG C . -27.68 16.19 6.16
O1A XPG C . -26.74 17.01 6.07
O1B XPG C . -28.24 15.82 7.21
#